data_7DOU
#
_entry.id   7DOU
#
_cell.length_a   1.00
_cell.length_b   1.00
_cell.length_c   1.00
_cell.angle_alpha   90.00
_cell.angle_beta   90.00
_cell.angle_gamma   90.00
#
_symmetry.space_group_name_H-M   'P 1'
#
_entity_poly.entity_id   1
_entity_poly.type   'polypeptide(L)'
_entity_poly.pdbx_seq_one_letter_code
;MKQKVHSVSYLAKAEFEYKNGVYDLVALPTGAEVIKISLEVVGLPTAGHVSVGFKDESKKNYSSILTLPVNETSGVVTKD
YTVKSDKIVAAEVKDALAEGSDGRPVKCVLRALYFLPSVIEVEY
;
_entity_poly.pdbx_strand_id   4,5,6
#
# COMPACT_ATOMS: atom_id res chain seq x y z
N MET A 1 -8.32 -23.37 9.93
CA MET A 1 -7.19 -22.68 10.54
C MET A 1 -7.66 -21.67 11.57
N LYS A 2 -6.71 -20.98 12.19
CA LYS A 2 -7.01 -20.02 13.23
C LYS A 2 -5.85 -19.05 13.35
N GLN A 3 -6.14 -17.77 13.56
CA GLN A 3 -5.08 -16.78 13.62
C GLN A 3 -5.60 -15.54 14.33
N LYS A 4 -4.67 -14.65 14.68
CA LYS A 4 -4.97 -13.39 15.33
C LYS A 4 -4.66 -12.25 14.35
N VAL A 5 -5.64 -11.35 14.16
CA VAL A 5 -5.52 -10.30 13.16
C VAL A 5 -5.92 -8.96 13.78
N HIS A 6 -5.42 -7.89 13.15
CA HIS A 6 -5.80 -6.53 13.51
C HIS A 6 -7.04 -6.13 12.71
N SER A 7 -8.09 -5.72 13.42
CA SER A 7 -9.37 -5.45 12.79
C SER A 7 -9.68 -3.97 12.64
N VAL A 8 -8.91 -3.09 13.28
CA VAL A 8 -9.19 -1.65 13.28
C VAL A 8 -8.04 -0.93 12.59
N SER A 9 -8.37 -0.06 11.64
CA SER A 9 -7.37 0.64 10.86
C SER A 9 -7.78 2.10 10.68
N TYR A 10 -6.82 3.00 10.81
CA TYR A 10 -7.06 4.42 10.67
C TYR A 10 -6.12 5.02 9.63
N LEU A 11 -6.56 6.12 9.03
CA LEU A 11 -5.77 6.92 8.12
C LEU A 11 -5.76 8.36 8.61
N ALA A 12 -4.57 8.94 8.68
CA ALA A 12 -4.40 10.30 9.19
C ALA A 12 -3.80 11.18 8.11
N LYS A 13 -4.39 12.36 7.92
CA LYS A 13 -3.88 13.38 7.01
C LYS A 13 -3.21 14.49 7.80
N ALA A 14 -2.05 14.93 7.33
CA ALA A 14 -1.42 16.12 7.87
C ALA A 14 -0.89 16.97 6.72
N GLU A 15 -0.89 18.28 6.92
CA GLU A 15 -0.42 19.22 5.91
C GLU A 15 0.51 20.23 6.54
N PHE A 16 1.62 20.50 5.86
CA PHE A 16 2.53 21.55 6.29
C PHE A 16 2.96 22.36 5.08
N GLU A 17 3.65 23.47 5.35
CA GLU A 17 3.76 24.58 4.40
C GLU A 17 5.07 24.61 3.63
N TYR A 18 5.85 23.52 3.67
CA TYR A 18 7.17 23.49 3.03
C TYR A 18 8.01 24.69 3.48
N LYS A 19 8.13 24.84 4.79
CA LYS A 19 8.93 25.89 5.39
C LYS A 19 9.99 25.24 6.28
N ASN A 20 11.13 25.91 6.39
CA ASN A 20 12.24 25.38 7.18
C ASN A 20 11.80 25.14 8.63
N GLY A 21 12.09 23.96 9.14
CA GLY A 21 11.74 23.62 10.50
C GLY A 21 11.28 22.18 10.58
N VAL A 22 10.55 21.88 11.65
CA VAL A 22 10.03 20.54 11.91
C VAL A 22 8.55 20.63 12.23
N TYR A 23 7.84 19.54 11.95
CA TYR A 23 6.41 19.46 12.19
C TYR A 23 6.06 18.09 12.73
N ASP A 24 5.18 18.04 13.72
CA ASP A 24 4.65 16.79 14.27
C ASP A 24 3.29 16.54 13.64
N LEU A 25 3.21 15.52 12.79
CA LEU A 25 2.06 15.32 11.92
C LEU A 25 1.08 14.28 12.43
N VAL A 26 1.55 13.06 12.70
CA VAL A 26 0.67 11.95 13.01
C VAL A 26 0.97 11.44 14.40
N ALA A 27 -0.08 11.27 15.21
CA ALA A 27 0.02 10.69 16.53
C ALA A 27 -0.29 9.21 16.45
N LEU A 28 0.53 8.39 17.11
CA LEU A 28 0.44 6.94 16.97
C LEU A 28 0.37 6.29 18.33
N PRO A 29 -0.52 5.32 18.52
CA PRO A 29 -0.56 4.57 19.78
C PRO A 29 0.51 3.50 19.82
N THR A 30 0.79 3.03 21.03
CA THR A 30 1.78 1.97 21.20
C THR A 30 1.22 0.65 20.70
N GLY A 31 2.02 -0.06 19.91
CA GLY A 31 1.58 -1.30 19.31
C GLY A 31 0.89 -1.16 17.98
N ALA A 32 0.65 0.07 17.52
CA ALA A 32 0.05 0.28 16.21
C ALA A 32 0.99 -0.18 15.12
N GLU A 33 0.41 -0.60 14.00
CA GLU A 33 1.17 -1.12 12.87
C GLU A 33 1.02 -0.18 11.69
N VAL A 34 2.08 0.56 11.39
CA VAL A 34 2.09 1.45 10.23
C VAL A 34 2.34 0.61 8.99
N ILE A 35 1.39 0.64 8.06
CA ILE A 35 1.54 -0.05 6.79
C ILE A 35 1.66 0.90 5.62
N LYS A 36 1.41 2.19 5.81
CA LYS A 36 1.59 3.13 4.71
C LYS A 36 1.94 4.51 5.23
N ILE A 37 2.97 5.13 4.67
CA ILE A 37 3.25 6.54 4.86
C ILE A 37 3.56 7.12 3.48
N SER A 38 2.70 8.00 2.99
CA SER A 38 2.88 8.63 1.69
C SER A 38 3.03 10.13 1.87
N LEU A 39 4.05 10.70 1.23
CA LEU A 39 4.31 12.14 1.28
C LEU A 39 4.17 12.71 -0.11
N GLU A 40 3.38 13.78 -0.22
CA GLU A 40 2.99 14.38 -1.48
C GLU A 40 3.35 15.85 -1.43
N VAL A 41 3.90 16.37 -2.53
CA VAL A 41 4.26 17.78 -2.63
C VAL A 41 3.31 18.44 -3.62
N VAL A 42 2.48 19.34 -3.14
CA VAL A 42 1.55 20.09 -3.97
C VAL A 42 2.14 21.48 -4.17
N GLY A 43 2.57 21.77 -5.39
CA GLY A 43 3.24 22.98 -5.74
C GLY A 43 4.49 22.69 -6.55
N LEU A 44 5.26 23.74 -6.83
CA LEU A 44 6.48 23.64 -7.63
C LEU A 44 7.63 24.24 -6.86
N PRO A 45 8.17 23.52 -5.87
CA PRO A 45 9.38 23.98 -5.20
C PRO A 45 10.58 23.93 -6.13
N THR A 46 11.58 24.76 -5.84
CA THR A 46 12.80 24.81 -6.63
C THR A 46 14.03 24.32 -5.89
N ALA A 47 14.09 24.53 -4.57
CA ALA A 47 15.23 24.08 -3.78
C ALA A 47 14.75 23.68 -2.39
N GLY A 48 15.14 22.48 -1.97
CA GLY A 48 14.78 22.01 -0.66
C GLY A 48 14.81 20.50 -0.58
N HIS A 49 14.61 20.01 0.64
CA HIS A 49 14.50 18.58 0.90
C HIS A 49 13.55 18.39 2.07
N VAL A 50 12.72 17.35 1.99
CA VAL A 50 11.78 17.02 3.06
C VAL A 50 12.12 15.62 3.55
N SER A 51 12.39 15.49 4.85
CA SER A 51 12.72 14.21 5.45
C SER A 51 11.67 13.88 6.49
N VAL A 52 10.99 12.76 6.32
CA VAL A 52 10.01 12.29 7.28
C VAL A 52 10.62 11.14 8.07
N GLY A 53 10.27 11.09 9.35
CA GLY A 53 10.81 10.09 10.23
C GLY A 53 9.98 9.96 11.48
N PHE A 54 10.52 9.21 12.44
CA PHE A 54 9.86 8.95 13.71
C PHE A 54 10.55 9.68 14.83
N LYS A 55 9.77 10.39 15.64
CA LYS A 55 10.23 11.16 16.78
C LYS A 55 9.50 10.68 18.02
N ASP A 56 10.22 10.63 19.14
CA ASP A 56 9.63 10.29 20.41
C ASP A 56 8.65 11.37 20.86
N GLU A 57 7.81 11.02 21.83
CA GLU A 57 6.74 11.92 22.24
C GLU A 57 7.30 13.25 22.77
N SER A 58 8.34 13.18 23.60
CA SER A 58 8.95 14.38 24.16
C SER A 58 10.42 14.51 23.80
N LYS A 59 11.21 13.47 24.00
CA LYS A 59 12.66 13.57 23.79
C LYS A 59 12.97 13.61 22.30
N LYS A 60 13.99 14.40 21.96
CA LYS A 60 14.26 14.78 20.58
C LYS A 60 14.94 13.67 19.79
N ASN A 61 14.29 12.51 19.69
CA ASN A 61 14.85 11.37 18.98
C ASN A 61 14.29 11.29 17.56
N TYR A 62 14.53 12.34 16.78
CA TYR A 62 14.14 12.32 15.38
C TYR A 62 15.14 11.48 14.59
N SER A 63 14.60 10.69 13.66
CA SER A 63 15.43 9.87 12.77
C SER A 63 14.68 9.68 11.47
N SER A 64 15.21 10.25 10.39
CA SER A 64 14.50 10.25 9.12
C SER A 64 14.38 8.83 8.57
N ILE A 65 13.17 8.50 8.12
CA ILE A 65 12.92 7.20 7.48
C ILE A 65 12.73 7.34 5.97
N LEU A 66 12.39 8.53 5.48
CA LEU A 66 12.27 8.75 4.04
C LEU A 66 12.73 10.16 3.71
N THR A 67 13.62 10.27 2.73
CA THR A 67 14.08 11.56 2.23
C THR A 67 13.41 11.84 0.90
N LEU A 68 13.22 13.12 0.59
CA LEU A 68 12.49 13.54 -0.60
C LEU A 68 13.08 14.83 -1.12
N PRO A 69 13.94 14.77 -2.13
CA PRO A 69 14.41 15.99 -2.81
C PRO A 69 13.29 16.64 -3.62
N VAL A 70 13.66 17.71 -4.31
CA VAL A 70 12.66 18.51 -5.03
C VAL A 70 12.03 17.74 -6.18
N ASN A 71 12.84 17.00 -6.95
CA ASN A 71 12.41 16.62 -8.29
C ASN A 71 11.29 15.57 -8.32
N GLU A 72 11.32 14.57 -7.43
CA GLU A 72 10.34 13.49 -7.57
C GLU A 72 8.97 13.91 -7.04
N THR A 73 8.94 14.83 -6.08
CA THR A 73 7.73 15.47 -5.57
C THR A 73 6.79 14.51 -4.83
N SER A 74 7.14 13.23 -4.74
CA SER A 74 6.28 12.28 -4.05
C SER A 74 7.09 11.08 -3.59
N GLY A 75 6.69 10.48 -2.48
CA GLY A 75 7.41 9.32 -1.98
C GLY A 75 6.70 8.53 -0.91
N VAL A 76 6.80 7.20 -0.99
CA VAL A 76 6.21 6.31 0.00
C VAL A 76 7.33 5.56 0.71
N VAL A 77 7.18 5.39 2.02
CA VAL A 77 8.19 4.68 2.79
C VAL A 77 8.25 3.22 2.32
N THR A 78 9.46 2.68 2.29
CA THR A 78 9.68 1.34 1.75
C THR A 78 9.61 0.25 2.81
N LYS A 79 9.27 0.59 4.05
CA LYS A 79 9.34 -0.37 5.14
C LYS A 79 8.17 -0.17 6.07
N ASP A 80 7.72 -1.25 6.69
CA ASP A 80 6.63 -1.21 7.66
C ASP A 80 7.17 -1.32 9.08
N TYR A 81 6.56 -0.56 9.99
CA TYR A 81 7.07 -0.39 11.33
C TYR A 81 6.00 -0.73 12.36
N THR A 82 6.45 -1.19 13.52
CA THR A 82 5.60 -1.40 14.68
C THR A 82 5.96 -0.34 15.72
N VAL A 83 4.95 0.34 16.25
CA VAL A 83 5.18 1.48 17.13
C VAL A 83 5.63 1.00 18.49
N LYS A 84 6.74 1.55 18.97
CA LYS A 84 7.21 1.29 20.33
C LYS A 84 8.02 2.51 20.79
N SER A 85 7.39 3.35 21.60
CA SER A 85 8.04 4.51 22.23
C SER A 85 8.41 5.60 21.23
N ASP A 86 8.21 5.34 19.93
CA ASP A 86 8.40 6.35 18.88
C ASP A 86 7.02 6.61 18.30
N LYS A 87 6.27 7.50 18.94
CA LYS A 87 4.86 7.64 18.67
C LYS A 87 4.52 8.90 17.88
N ILE A 88 5.51 9.59 17.32
CA ILE A 88 5.24 10.76 16.51
C ILE A 88 5.85 10.56 15.12
N VAL A 89 5.03 10.76 14.09
CA VAL A 89 5.56 10.97 12.75
C VAL A 89 5.88 12.44 12.60
N ALA A 90 7.10 12.75 12.14
CA ALA A 90 7.55 14.12 12.06
C ALA A 90 8.20 14.36 10.71
N ALA A 91 8.15 15.62 10.27
CA ALA A 91 8.75 16.04 9.02
C ALA A 91 9.72 17.18 9.27
N GLU A 92 10.80 17.21 8.49
CA GLU A 92 11.82 18.24 8.61
C GLU A 92 12.12 18.80 7.24
N VAL A 93 12.06 20.12 7.12
CA VAL A 93 12.42 20.83 5.90
C VAL A 93 13.63 21.71 6.25
N LYS A 94 14.82 21.26 5.85
CA LYS A 94 16.05 21.97 6.20
C LYS A 94 16.42 23.05 5.19
N ASP A 95 15.98 22.91 3.94
CA ASP A 95 16.16 23.94 2.93
C ASP A 95 14.79 24.31 2.39
N ALA A 96 14.48 25.60 2.37
CA ALA A 96 13.18 26.06 1.88
C ALA A 96 13.26 27.54 1.55
N LEU A 97 12.81 27.90 0.36
CA LEU A 97 12.71 29.27 -0.10
C LEU A 97 11.23 29.62 -0.30
N ALA A 98 10.98 30.78 -0.91
CA ALA A 98 9.62 31.28 -1.06
C ALA A 98 8.81 30.38 -2.01
N GLU A 99 7.58 30.81 -2.28
CA GLU A 99 6.61 30.04 -3.06
C GLU A 99 7.26 29.26 -4.20
N GLY A 100 8.02 29.95 -5.04
CA GLY A 100 8.91 29.25 -5.97
C GLY A 100 8.35 29.03 -7.36
N SER A 101 8.80 29.85 -8.31
CA SER A 101 8.57 29.63 -9.75
C SER A 101 7.10 29.76 -10.15
N ASP A 102 6.22 29.94 -9.16
CA ASP A 102 4.79 30.07 -9.44
C ASP A 102 4.11 31.21 -8.70
N GLY A 103 4.67 31.69 -7.59
CA GLY A 103 3.98 32.66 -6.77
C GLY A 103 2.88 32.08 -5.89
N ARG A 104 2.82 30.75 -5.77
CA ARG A 104 1.82 30.07 -4.96
C ARG A 104 2.48 29.20 -3.90
N PRO A 105 1.92 29.13 -2.70
CA PRO A 105 2.58 28.43 -1.60
C PRO A 105 2.68 26.93 -1.86
N VAL A 106 3.89 26.41 -1.76
CA VAL A 106 4.12 24.96 -1.88
C VAL A 106 3.80 24.31 -0.56
N LYS A 107 2.99 23.25 -0.60
CA LYS A 107 2.58 22.52 0.59
C LYS A 107 2.94 21.05 0.46
N CYS A 108 2.92 20.36 1.59
CA CYS A 108 3.15 18.92 1.63
C CYS A 108 2.04 18.26 2.45
N VAL A 109 1.56 17.12 1.94
CA VAL A 109 0.53 16.33 2.60
C VAL A 109 1.12 14.96 2.90
N LEU A 110 1.02 14.55 4.16
CA LEU A 110 1.45 13.23 4.59
C LEU A 110 0.22 12.44 5.01
N ARG A 111 0.05 11.26 4.41
CA ARG A 111 -1.03 10.34 4.73
C ARG A 111 -0.42 9.10 5.38
N ALA A 112 -0.93 8.76 6.56
CA ALA A 112 -0.43 7.64 7.34
C ALA A 112 -1.55 6.63 7.56
N LEU A 113 -1.42 5.45 6.98
CA LEU A 113 -2.34 4.35 7.18
C LEU A 113 -1.71 3.37 8.15
N TYR A 114 -2.38 3.18 9.30
CA TYR A 114 -1.86 2.33 10.36
C TYR A 114 -2.99 1.53 11.00
N PHE A 115 -2.67 0.32 11.43
CA PHE A 115 -3.63 -0.56 12.09
C PHE A 115 -3.48 -0.47 13.60
N LEU A 116 -4.60 -0.51 14.31
CA LEU A 116 -4.61 -0.36 15.75
C LEU A 116 -4.09 -1.65 16.41
N PRO A 117 -3.54 -1.53 17.63
CA PRO A 117 -3.02 -2.72 18.32
C PRO A 117 -4.09 -3.73 18.72
N SER A 118 -5.37 -3.36 18.70
CA SER A 118 -6.41 -4.29 19.07
C SER A 118 -6.41 -5.49 18.12
N VAL A 119 -6.61 -6.68 18.68
CA VAL A 119 -6.47 -7.93 17.93
C VAL A 119 -7.69 -8.81 18.21
N ILE A 120 -8.20 -9.44 17.16
CA ILE A 120 -9.29 -10.40 17.28
C ILE A 120 -8.81 -11.73 16.71
N GLU A 121 -9.57 -12.79 17.02
CA GLU A 121 -9.25 -14.14 16.58
C GLU A 121 -10.22 -14.56 15.49
N VAL A 122 -9.69 -15.03 14.37
CA VAL A 122 -10.50 -15.46 13.23
C VAL A 122 -10.09 -16.87 12.82
N GLU A 123 -11.09 -17.70 12.54
CA GLU A 123 -10.87 -19.06 12.05
C GLU A 123 -11.37 -19.13 10.61
N TYR A 124 -10.56 -19.76 9.75
CA TYR A 124 -10.92 -19.90 8.34
C TYR A 124 -11.00 -21.37 7.94
N MET B 1 -1.88 13.16 23.27
CA MET B 1 -2.09 13.87 22.01
C MET B 1 -3.54 13.76 21.56
N LYS B 2 -3.84 14.37 20.41
CA LYS B 2 -5.19 14.38 19.88
C LYS B 2 -5.11 14.67 18.39
N GLN B 3 -5.94 13.98 17.62
CA GLN B 3 -5.90 14.16 16.17
C GLN B 3 -7.21 13.69 15.56
N LYS B 4 -7.40 14.01 14.28
CA LYS B 4 -8.56 13.61 13.51
C LYS B 4 -8.14 12.61 12.45
N VAL B 5 -8.82 11.47 12.39
CA VAL B 5 -8.44 10.38 11.51
C VAL B 5 -9.65 9.87 10.74
N HIS B 6 -9.38 9.23 9.61
CA HIS B 6 -10.40 8.57 8.81
C HIS B 6 -10.55 7.13 9.31
N SER B 7 -11.78 6.76 9.68
CA SER B 7 -12.03 5.46 10.30
C SER B 7 -12.67 4.45 9.36
N VAL B 8 -13.15 4.86 8.20
CA VAL B 8 -13.89 3.99 7.29
C VAL B 8 -13.10 3.88 5.99
N SER B 9 -12.89 2.64 5.55
CA SER B 9 -12.09 2.38 4.35
C SER B 9 -12.76 1.30 3.52
N TYR B 10 -12.76 1.51 2.19
CA TYR B 10 -13.35 0.57 1.26
C TYR B 10 -12.35 0.17 0.20
N LEU B 11 -12.56 -1.02 -0.35
CA LEU B 11 -11.79 -1.53 -1.49
C LEU B 11 -12.77 -1.93 -2.58
N ALA B 12 -12.50 -1.47 -3.81
CA ALA B 12 -13.36 -1.72 -4.94
C ALA B 12 -12.60 -2.49 -6.01
N LYS B 13 -13.23 -3.54 -6.54
CA LYS B 13 -12.70 -4.33 -7.63
C LYS B 13 -13.45 -3.98 -8.91
N ALA B 14 -12.72 -3.82 -10.00
CA ALA B 14 -13.32 -3.69 -11.32
C ALA B 14 -12.53 -4.54 -12.31
N GLU B 15 -13.23 -5.07 -13.31
CA GLU B 15 -12.61 -5.90 -14.33
C GLU B 15 -13.06 -5.45 -15.71
N PHE B 16 -12.11 -5.36 -16.63
CA PHE B 16 -12.45 -5.06 -18.02
C PHE B 16 -11.65 -5.98 -18.93
N GLU B 17 -11.97 -5.96 -20.21
CA GLU B 17 -11.65 -7.05 -21.12
C GLU B 17 -10.43 -6.77 -22.00
N TYR B 18 -9.63 -5.75 -21.69
CA TYR B 18 -8.50 -5.37 -22.52
C TYR B 18 -8.93 -5.17 -23.97
N LYS B 19 -9.95 -4.35 -24.15
CA LYS B 19 -10.46 -4.01 -25.47
C LYS B 19 -10.38 -2.50 -25.66
N ASN B 20 -10.18 -2.08 -26.91
CA ASN B 20 -10.04 -0.67 -27.21
C ASN B 20 -11.27 0.11 -26.74
N GLY B 21 -11.04 1.19 -26.03
CA GLY B 21 -12.11 2.02 -25.53
C GLY B 21 -11.80 2.52 -24.14
N VAL B 22 -12.86 2.92 -23.43
CA VAL B 22 -12.75 3.44 -22.08
C VAL B 22 -13.75 2.73 -21.19
N TYR B 23 -13.43 2.67 -19.90
CA TYR B 23 -14.27 2.01 -18.91
C TYR B 23 -14.27 2.83 -17.63
N ASP B 24 -15.45 2.97 -17.02
CA ASP B 24 -15.61 3.62 -15.73
C ASP B 24 -15.68 2.55 -14.66
N LEU B 25 -14.64 2.47 -13.83
CA LEU B 25 -14.42 1.33 -12.94
C LEU B 25 -14.88 1.60 -11.51
N VAL B 26 -14.36 2.65 -10.88
CA VAL B 26 -14.55 2.88 -9.45
C VAL B 26 -15.27 4.20 -9.26
N ALA B 27 -16.34 4.17 -8.45
CA ALA B 27 -17.06 5.37 -8.07
C ALA B 27 -16.54 5.87 -6.72
N LEU B 28 -16.31 7.17 -6.63
CA LEU B 28 -15.65 7.76 -5.47
C LEU B 28 -16.47 8.91 -4.92
N PRO B 29 -16.62 8.98 -3.61
CA PRO B 29 -17.32 10.12 -3.00
C PRO B 29 -16.38 11.32 -2.88
N THR B 30 -16.98 12.49 -2.70
CA THR B 30 -16.21 13.71 -2.54
C THR B 30 -15.54 13.71 -1.17
N GLY B 31 -14.25 14.04 -1.14
CA GLY B 31 -13.49 14.02 0.08
C GLY B 31 -12.85 12.68 0.41
N ALA B 32 -13.12 11.65 -0.37
CA ALA B 32 -12.49 10.35 -0.16
C ALA B 32 -11.00 10.45 -0.41
N GLU B 33 -10.24 9.59 0.27
CA GLU B 33 -8.79 9.58 0.18
C GLU B 33 -8.34 8.28 -0.45
N VAL B 34 -7.90 8.35 -1.70
CA VAL B 34 -7.37 7.18 -2.40
C VAL B 34 -5.94 6.95 -1.91
N ILE B 35 -5.71 5.78 -1.33
CA ILE B 35 -4.37 5.40 -0.90
C ILE B 35 -3.79 4.26 -1.71
N LYS B 36 -4.60 3.59 -2.54
CA LYS B 36 -4.05 2.53 -3.37
C LYS B 36 -4.86 2.38 -4.65
N ILE B 37 -4.18 2.33 -5.79
CA ILE B 37 -4.77 1.91 -7.05
C ILE B 37 -3.80 0.93 -7.69
N SER B 38 -4.21 -0.33 -7.81
CA SER B 38 -3.37 -1.36 -8.41
C SER B 38 -4.06 -1.91 -9.66
N LEU B 39 -3.32 -1.99 -10.76
CA LEU B 39 -3.82 -2.52 -12.01
C LEU B 39 -3.05 -3.77 -12.35
N GLU B 40 -3.79 -4.84 -12.67
CA GLU B 40 -3.25 -6.17 -12.89
C GLU B 40 -3.73 -6.65 -14.24
N VAL B 41 -2.84 -7.30 -15.00
CA VAL B 41 -3.18 -7.84 -16.30
C VAL B 41 -3.14 -9.36 -16.20
N VAL B 42 -4.30 -10.00 -16.34
CA VAL B 42 -4.40 -11.45 -16.32
C VAL B 42 -4.54 -11.91 -17.76
N GLY B 43 -3.51 -12.59 -18.26
CA GLY B 43 -3.41 -13.01 -19.63
C GLY B 43 -2.08 -12.63 -20.21
N LEU B 44 -1.92 -12.89 -21.51
CA LEU B 44 -0.66 -12.63 -22.22
C LEU B 44 -0.95 -11.75 -23.43
N PRO B 45 -1.16 -10.45 -23.22
CA PRO B 45 -1.28 -9.54 -24.37
C PRO B 45 0.04 -9.39 -25.09
N THR B 46 -0.06 -9.03 -26.37
CA THR B 46 1.12 -8.85 -27.21
C THR B 46 1.35 -7.40 -27.62
N ALA B 47 0.28 -6.63 -27.81
CA ALA B 47 0.40 -5.24 -28.21
C ALA B 47 -0.72 -4.44 -27.59
N GLY B 48 -0.37 -3.34 -26.93
CA GLY B 48 -1.37 -2.48 -26.33
C GLY B 48 -0.79 -1.67 -25.20
N HIS B 49 -1.62 -0.76 -24.69
CA HIS B 49 -1.29 0.04 -23.52
C HIS B 49 -2.57 0.33 -22.75
N VAL B 50 -2.48 0.30 -21.43
CA VAL B 50 -3.61 0.60 -20.56
C VAL B 50 -3.26 1.80 -19.71
N SER B 51 -4.07 2.85 -19.79
CA SER B 51 -3.84 4.06 -19.02
C SER B 51 -5.02 4.27 -18.08
N VAL B 52 -4.74 4.32 -16.79
CA VAL B 52 -5.77 4.59 -15.79
C VAL B 52 -5.62 6.01 -15.31
N GLY B 53 -6.75 6.64 -15.04
CA GLY B 53 -6.74 8.03 -14.62
C GLY B 53 -8.06 8.40 -13.99
N PHE B 54 -8.23 9.69 -13.75
CA PHE B 54 -9.41 10.24 -13.11
C PHE B 54 -10.25 11.01 -14.12
N LYS B 55 -11.54 10.70 -14.15
CA LYS B 55 -12.51 11.32 -15.03
C LYS B 55 -13.64 11.91 -14.18
N ASP B 56 -14.13 13.07 -14.61
CA ASP B 56 -15.26 13.70 -13.95
C ASP B 56 -16.51 12.87 -14.15
N GLU B 57 -17.53 13.17 -13.33
CA GLU B 57 -18.74 12.35 -13.33
C GLU B 57 -19.42 12.36 -14.69
N SER B 58 -19.54 13.54 -15.31
CA SER B 58 -20.17 13.66 -16.61
C SER B 58 -19.23 14.22 -17.67
N LYS B 59 -18.57 15.35 -17.38
CA LYS B 59 -17.76 16.01 -18.39
C LYS B 59 -16.47 15.22 -18.64
N LYS B 60 -16.04 15.22 -19.90
CA LYS B 60 -15.01 14.31 -20.38
C LYS B 60 -13.62 14.76 -19.97
N ASN B 61 -13.37 14.89 -18.67
CA ASN B 61 -12.08 15.34 -18.17
C ASN B 61 -11.22 14.15 -17.75
N TYR B 62 -10.93 13.28 -18.71
CA TYR B 62 -10.03 12.16 -18.45
C TYR B 62 -8.60 12.65 -18.45
N SER B 63 -7.80 12.14 -17.51
CA SER B 63 -6.38 12.48 -17.43
C SER B 63 -5.66 11.29 -16.80
N SER B 64 -4.81 10.64 -17.58
CA SER B 64 -4.17 9.41 -17.14
C SER B 64 -3.22 9.70 -15.98
N ILE B 65 -3.32 8.88 -14.93
CA ILE B 65 -2.41 8.95 -13.80
C ILE B 65 -1.40 7.82 -13.78
N LEU B 66 -1.66 6.71 -14.47
CA LEU B 66 -0.71 5.61 -14.58
C LEU B 66 -0.82 4.98 -15.94
N THR B 67 0.33 4.83 -16.61
CA THR B 67 0.40 4.14 -17.89
C THR B 67 0.99 2.75 -17.68
N LEU B 68 0.59 1.80 -18.53
CA LEU B 68 1.00 0.41 -18.38
C LEU B 68 1.14 -0.21 -19.76
N PRO B 69 2.37 -0.31 -20.27
CA PRO B 69 2.60 -1.07 -21.51
C PRO B 69 2.43 -2.57 -21.28
N VAL B 70 2.69 -3.33 -22.34
CA VAL B 70 2.44 -4.78 -22.31
C VAL B 70 3.34 -5.50 -21.32
N ASN B 71 4.63 -5.15 -21.29
CA ASN B 71 5.62 -6.06 -20.72
C ASN B 71 5.52 -6.21 -19.20
N GLU B 72 5.28 -5.14 -18.45
CA GLU B 72 5.36 -5.26 -16.99
C GLU B 72 4.12 -5.95 -16.43
N THR B 73 2.98 -5.80 -17.10
CA THR B 73 1.74 -6.51 -16.80
C THR B 73 1.11 -6.13 -15.47
N SER B 74 1.73 -5.23 -14.72
CA SER B 74 1.18 -4.83 -13.43
C SER B 74 1.72 -3.46 -13.03
N GLY B 75 0.91 -2.68 -12.31
CA GLY B 75 1.36 -1.37 -11.90
C GLY B 75 0.52 -0.72 -10.81
N VAL B 76 1.17 -0.04 -9.88
CA VAL B 76 0.49 0.67 -8.80
C VAL B 76 0.80 2.16 -8.95
N VAL B 77 -0.22 3.00 -8.73
CA VAL B 77 -0.01 4.44 -8.84
C VAL B 77 0.97 4.90 -7.77
N THR B 78 1.81 5.86 -8.14
CA THR B 78 2.88 6.31 -7.27
C THR B 78 2.48 7.48 -6.38
N LYS B 79 1.22 7.91 -6.40
CA LYS B 79 0.81 9.12 -5.71
C LYS B 79 -0.57 8.92 -5.10
N ASP B 80 -0.81 9.59 -3.99
CA ASP B 80 -2.10 9.53 -3.31
C ASP B 80 -2.88 10.81 -3.57
N TYR B 81 -4.19 10.66 -3.75
CA TYR B 81 -5.05 11.72 -4.21
C TYR B 81 -6.23 11.91 -3.25
N THR B 82 -6.71 13.16 -3.18
CA THR B 82 -7.94 13.48 -2.47
C THR B 82 -9.00 13.84 -3.50
N VAL B 83 -10.18 13.24 -3.36
CA VAL B 83 -11.21 13.36 -4.38
C VAL B 83 -11.85 14.74 -4.29
N LYS B 84 -11.92 15.42 -5.44
CA LYS B 84 -12.63 16.69 -5.54
C LYS B 84 -13.09 16.86 -6.99
N SER B 85 -14.38 16.59 -7.22
CA SER B 85 -15.03 16.79 -8.51
C SER B 85 -14.53 15.83 -9.58
N ASP B 86 -13.52 15.02 -9.28
CA ASP B 86 -13.03 13.98 -10.17
C ASP B 86 -13.35 12.65 -9.48
N LYS B 87 -14.58 12.18 -9.66
CA LYS B 87 -15.12 11.10 -8.86
C LYS B 87 -15.20 9.77 -9.61
N ILE B 88 -14.56 9.65 -10.77
CA ILE B 88 -14.56 8.39 -11.50
C ILE B 88 -13.11 7.97 -11.73
N VAL B 89 -12.78 6.74 -11.37
CA VAL B 89 -11.58 6.10 -11.88
C VAL B 89 -11.93 5.46 -13.21
N ALA B 90 -11.11 5.73 -14.23
CA ALA B 90 -11.40 5.25 -15.57
C ALA B 90 -10.14 4.66 -16.19
N ALA B 91 -10.35 3.73 -17.12
CA ALA B 91 -9.27 3.08 -17.83
C ALA B 91 -9.47 3.24 -19.33
N GLU B 92 -8.36 3.36 -20.05
CA GLU B 92 -8.38 3.55 -21.50
C GLU B 92 -7.41 2.56 -22.12
N VAL B 93 -7.89 1.80 -23.10
CA VAL B 93 -7.07 0.88 -23.88
C VAL B 93 -7.13 1.38 -25.32
N LYS B 94 -6.06 2.06 -25.75
CA LYS B 94 -6.04 2.65 -27.08
C LYS B 94 -5.52 1.68 -28.14
N ASP B 95 -4.70 0.70 -27.77
CA ASP B 95 -4.27 -0.35 -28.67
C ASP B 95 -4.66 -1.69 -28.06
N ALA B 96 -5.34 -2.52 -28.85
CA ALA B 96 -5.78 -3.83 -28.37
C ALA B 96 -6.09 -4.72 -29.55
N LEU B 97 -5.55 -5.93 -29.53
CA LEU B 97 -5.80 -6.96 -30.52
C LEU B 97 -6.51 -8.13 -29.84
N ALA B 98 -6.65 -9.24 -30.55
CA ALA B 98 -7.38 -10.39 -30.06
C ALA B 98 -6.67 -11.02 -28.85
N GLU B 99 -7.24 -12.14 -28.39
CA GLU B 99 -6.78 -12.81 -27.17
C GLU B 99 -5.26 -12.78 -27.00
N GLY B 100 -4.52 -13.20 -28.03
CA GLY B 100 -3.11 -12.93 -28.08
C GLY B 100 -2.21 -14.03 -27.55
N SER B 101 -1.60 -14.78 -28.46
CA SER B 101 -0.51 -15.72 -28.17
C SER B 101 -0.96 -16.90 -27.31
N ASP B 102 -2.21 -16.89 -26.87
CA ASP B 102 -2.75 -17.98 -26.05
C ASP B 102 -4.12 -18.46 -26.48
N GLY B 103 -4.91 -17.67 -27.19
CA GLY B 103 -6.28 -18.04 -27.49
C GLY B 103 -7.24 -17.84 -26.34
N ARG B 104 -6.82 -17.14 -25.28
CA ARG B 104 -7.64 -16.88 -24.11
C ARG B 104 -7.78 -15.38 -23.87
N PRO B 105 -8.95 -14.92 -23.44
CA PRO B 105 -9.18 -13.46 -23.33
C PRO B 105 -8.31 -12.84 -22.26
N VAL B 106 -7.59 -11.79 -22.64
CA VAL B 106 -6.79 -11.02 -21.69
C VAL B 106 -7.70 -10.04 -20.97
N LYS B 107 -7.61 -10.02 -19.65
CA LYS B 107 -8.43 -9.15 -18.82
C LYS B 107 -7.55 -8.29 -17.93
N CYS B 108 -8.14 -7.22 -17.38
CA CYS B 108 -7.47 -6.37 -16.43
C CYS B 108 -8.35 -6.17 -15.21
N VAL B 109 -7.72 -6.20 -14.04
CA VAL B 109 -8.39 -6.00 -12.77
C VAL B 109 -7.78 -4.78 -12.09
N LEU B 110 -8.63 -3.84 -11.71
CA LEU B 110 -8.21 -2.65 -10.98
C LEU B 110 -8.80 -2.71 -9.57
N ARG B 111 -7.92 -2.61 -8.58
CA ARG B 111 -8.31 -2.58 -7.18
C ARG B 111 -8.02 -1.20 -6.62
N ALA B 112 -9.02 -0.58 -6.02
CA ALA B 112 -8.91 0.77 -5.48
C ALA B 112 -9.22 0.74 -4.00
N LEU B 113 -8.21 1.04 -3.19
CA LEU B 113 -8.35 1.17 -1.75
C LEU B 113 -8.40 2.65 -1.40
N TYR B 114 -9.53 3.08 -0.81
CA TYR B 114 -9.74 4.49 -0.50
C TYR B 114 -10.45 4.62 0.84
N PHE B 115 -10.13 5.69 1.56
CA PHE B 115 -10.74 5.97 2.85
C PHE B 115 -11.86 6.98 2.69
N LEU B 116 -12.93 6.79 3.46
CA LEU B 116 -14.11 7.63 3.36
C LEU B 116 -13.85 8.99 3.99
N PRO B 117 -14.56 10.04 3.56
CA PRO B 117 -14.35 11.37 4.14
C PRO B 117 -14.76 11.50 5.59
N SER B 118 -15.52 10.55 6.13
CA SER B 118 -15.92 10.63 7.54
C SER B 118 -14.69 10.62 8.43
N VAL B 119 -14.71 11.45 9.48
CA VAL B 119 -13.56 11.68 10.34
C VAL B 119 -14.00 11.57 11.79
N ILE B 120 -13.17 10.91 12.60
CA ILE B 120 -13.39 10.83 14.04
C ILE B 120 -12.17 11.42 14.75
N GLU B 121 -12.34 11.68 16.04
CA GLU B 121 -11.28 12.26 16.87
C GLU B 121 -10.73 11.21 17.82
N VAL B 122 -9.41 11.04 17.82
CA VAL B 122 -8.75 10.05 18.66
C VAL B 122 -7.66 10.73 19.47
N GLU B 123 -7.58 10.38 20.75
CA GLU B 123 -6.53 10.87 21.64
C GLU B 123 -5.62 9.70 22.02
N TYR B 124 -4.32 9.93 21.97
CA TYR B 124 -3.34 8.91 22.30
C TYR B 124 -2.46 9.32 23.47
N MET C 1 -24.08 7.61 -8.62
CA MET C 1 -23.51 6.33 -9.05
C MET C 1 -23.84 5.23 -8.04
N LYS C 2 -23.37 4.02 -8.34
CA LYS C 2 -23.65 2.86 -7.48
C LYS C 2 -22.59 1.81 -7.76
N GLN C 3 -22.12 1.14 -6.72
CA GLN C 3 -21.07 0.15 -6.89
C GLN C 3 -21.08 -0.79 -5.69
N LYS C 4 -20.33 -1.88 -5.83
CA LYS C 4 -20.16 -2.89 -4.79
C LYS C 4 -18.71 -2.84 -4.30
N VAL C 5 -18.55 -2.74 -2.99
CA VAL C 5 -17.23 -2.57 -2.39
C VAL C 5 -17.04 -3.53 -1.22
N HIS C 6 -15.77 -3.80 -0.92
CA HIS C 6 -15.41 -4.60 0.24
C HIS C 6 -15.26 -3.68 1.45
N SER C 7 -16.00 -3.99 2.51
CA SER C 7 -16.05 -3.11 3.68
C SER C 7 -15.24 -3.61 4.86
N VAL C 8 -14.77 -4.86 4.84
CA VAL C 8 -14.08 -5.46 5.98
C VAL C 8 -12.66 -5.77 5.56
N SER C 9 -11.69 -5.35 6.38
CA SER C 9 -10.28 -5.52 6.06
C SER C 9 -9.53 -5.94 7.31
N TYR C 10 -8.61 -6.90 7.16
CA TYR C 10 -7.81 -7.41 8.26
C TYR C 10 -6.32 -7.30 7.92
N LEU C 11 -5.52 -7.22 8.97
CA LEU C 11 -4.07 -7.25 8.87
C LEU C 11 -3.56 -8.35 9.79
N ALA C 12 -2.67 -9.19 9.26
CA ALA C 12 -2.14 -10.33 9.99
C ALA C 12 -0.63 -10.20 10.10
N LYS C 13 -0.11 -10.41 11.31
CA LYS C 13 1.32 -10.43 11.58
C LYS C 13 1.78 -11.87 11.77
N ALA C 14 2.91 -12.22 11.18
CA ALA C 14 3.57 -13.48 11.44
C ALA C 14 5.06 -13.26 11.59
N GLU C 15 5.69 -14.06 12.44
CA GLU C 15 7.12 -13.95 12.68
C GLU C 15 7.75 -15.34 12.62
N PHE C 16 8.90 -15.42 11.94
CA PHE C 16 9.67 -16.65 11.91
C PHE C 16 11.14 -16.32 12.11
N GLU C 17 11.95 -17.37 12.30
CA GLU C 17 13.26 -17.24 12.92
C GLU C 17 14.42 -17.21 11.93
N TYR C 18 14.15 -17.04 10.64
CA TYR C 18 15.19 -17.08 9.62
C TYR C 18 16.01 -18.37 9.74
N LYS C 19 15.30 -19.49 9.74
CA LYS C 19 15.90 -20.80 9.79
C LYS C 19 15.46 -21.60 8.57
N ASN C 20 16.34 -22.50 8.11
CA ASN C 20 16.05 -23.28 6.93
C ASN C 20 14.77 -24.08 7.11
N GLY C 21 13.89 -23.99 6.13
CA GLY C 21 12.64 -24.70 6.17
C GLY C 21 11.52 -23.86 5.60
N VAL C 22 10.29 -24.23 5.97
CA VAL C 22 9.10 -23.53 5.49
C VAL C 22 8.21 -23.21 6.69
N TYR C 23 7.42 -22.15 6.54
CA TYR C 23 6.51 -21.70 7.58
C TYR C 23 5.19 -21.26 6.96
N ASP C 24 4.09 -21.63 7.61
CA ASP C 24 2.76 -21.21 7.21
C ASP C 24 2.35 -20.04 8.10
N LEU C 25 2.27 -18.85 7.50
CA LEU C 25 2.16 -17.60 8.25
C LEU C 25 0.74 -17.07 8.34
N VAL C 26 0.09 -16.85 7.20
CA VAL C 26 -1.19 -16.16 7.15
C VAL C 26 -2.25 -17.10 6.60
N ALA C 27 -3.38 -17.18 7.28
CA ALA C 27 -4.53 -17.94 6.82
C ALA C 27 -5.50 -17.00 6.12
N LEU C 28 -6.00 -17.43 4.96
CA LEU C 28 -6.79 -16.57 4.10
C LEU C 28 -8.09 -17.25 3.73
N PRO C 29 -9.21 -16.53 3.78
CA PRO C 29 -10.48 -17.09 3.34
C PRO C 29 -10.61 -17.03 1.82
N THR C 30 -11.52 -17.84 1.30
CA THR C 30 -11.76 -17.85 -0.13
C THR C 30 -12.48 -16.57 -0.55
N GLY C 31 -11.99 -15.95 -1.62
CA GLY C 31 -12.54 -14.69 -2.08
C GLY C 31 -11.92 -13.47 -1.45
N ALA C 32 -11.02 -13.63 -0.48
CA ALA C 32 -10.34 -12.50 0.12
C ALA C 32 -9.44 -11.83 -0.88
N GLU C 33 -9.24 -10.52 -0.71
CA GLU C 33 -8.43 -9.72 -1.62
C GLU C 33 -7.19 -9.24 -0.90
N VAL C 34 -6.05 -9.82 -1.23
CA VAL C 34 -4.78 -9.40 -0.68
C VAL C 34 -4.33 -8.13 -1.39
N ILE C 35 -4.18 -7.05 -0.64
CA ILE C 35 -3.68 -5.79 -1.20
C ILE C 35 -2.31 -5.44 -0.68
N LYS C 36 -1.80 -6.12 0.35
CA LYS C 36 -0.45 -5.83 0.81
C LYS C 36 0.18 -7.07 1.43
N ILE C 37 1.41 -7.38 1.03
CA ILE C 37 2.25 -8.34 1.74
C ILE C 37 3.63 -7.71 1.86
N SER C 38 4.04 -7.43 3.10
CA SER C 38 5.34 -6.83 3.36
C SER C 38 6.16 -7.78 4.21
N LEU C 39 7.41 -8.01 3.80
CA LEU C 39 8.33 -8.88 4.51
C LEU C 39 9.50 -8.04 5.00
N GLU C 40 9.81 -8.17 6.29
CA GLU C 40 10.80 -7.35 6.98
C GLU C 40 11.79 -8.28 7.65
N VAL C 41 13.08 -7.93 7.58
CA VAL C 41 14.14 -8.72 8.20
C VAL C 41 14.69 -7.90 9.35
N VAL C 42 14.50 -8.37 10.57
CA VAL C 42 15.02 -7.72 11.77
C VAL C 42 16.24 -8.51 12.21
N GLY C 43 17.42 -7.90 12.06
CA GLY C 43 18.69 -8.53 12.33
C GLY C 43 19.64 -8.30 11.19
N LEU C 44 20.81 -8.92 11.28
CA LEU C 44 21.88 -8.76 10.28
C LEU C 44 22.29 -10.15 9.77
N PRO C 45 21.50 -10.75 8.89
CA PRO C 45 21.92 -12.01 8.27
C PRO C 45 23.07 -11.76 7.31
N THR C 46 23.86 -12.82 7.08
CA THR C 46 25.00 -12.75 6.19
C THR C 46 24.83 -13.58 4.93
N ALA C 47 24.12 -14.71 5.01
CA ALA C 47 23.91 -15.56 3.84
C ALA C 47 22.54 -16.21 3.94
N GLY C 48 21.76 -16.10 2.88
CA GLY C 48 20.45 -16.71 2.84
C GLY C 48 19.54 -16.02 1.85
N HIS C 49 18.37 -16.61 1.69
CA HIS C 49 17.31 -16.06 0.86
C HIS C 49 15.97 -16.45 1.46
N VAL C 50 15.02 -15.53 1.43
CA VAL C 50 13.67 -15.78 1.93
C VAL C 50 12.71 -15.59 0.77
N SER C 51 11.92 -16.63 0.48
CA SER C 51 10.94 -16.58 -0.60
C SER C 51 9.55 -16.77 -0.02
N VAL C 52 8.69 -15.79 -0.22
CA VAL C 52 7.31 -15.87 0.24
C VAL C 52 6.42 -16.16 -0.97
N GLY C 53 5.40 -16.96 -0.74
CA GLY C 53 4.50 -17.35 -1.80
C GLY C 53 3.21 -17.89 -1.26
N PHE C 54 2.42 -18.47 -2.15
CA PHE C 54 1.11 -19.01 -1.81
C PHE C 54 1.14 -20.53 -1.89
N LYS C 55 0.65 -21.17 -0.83
CA LYS C 55 0.58 -22.61 -0.70
C LYS C 55 -0.87 -23.01 -0.44
N ASP C 56 -1.27 -24.14 -1.03
CA ASP C 56 -2.59 -24.68 -0.80
C ASP C 56 -2.73 -25.16 0.64
N GLU C 57 -3.97 -25.37 1.05
CA GLU C 57 -4.25 -25.69 2.45
C GLU C 57 -3.56 -26.98 2.86
N SER C 58 -3.62 -28.02 2.03
CA SER C 58 -2.99 -29.29 2.32
C SER C 58 -1.96 -29.69 1.29
N LYS C 59 -2.31 -29.66 0.01
CA LYS C 59 -1.41 -30.14 -1.03
C LYS C 59 -0.25 -29.17 -1.24
N LYS C 60 0.92 -29.73 -1.52
CA LYS C 60 2.17 -28.99 -1.47
C LYS C 60 2.37 -28.11 -2.69
N ASN C 61 1.45 -27.19 -2.94
CA ASN C 61 1.52 -26.31 -4.11
C ASN C 61 2.13 -24.96 -3.73
N TYR C 62 3.36 -25.00 -3.24
CA TYR C 62 4.07 -23.76 -2.94
C TYR C 62 4.58 -23.15 -4.24
N SER C 63 4.48 -21.82 -4.34
CA SER C 63 4.97 -21.09 -5.49
C SER C 63 5.35 -19.69 -5.04
N SER C 64 6.64 -19.38 -5.07
CA SER C 64 7.12 -18.12 -4.53
C SER C 64 6.60 -16.94 -5.34
N ILE C 65 6.10 -15.93 -4.63
CA ILE C 65 5.65 -14.69 -5.26
C ILE C 65 6.62 -13.54 -5.03
N LEU C 66 7.47 -13.61 -4.01
CA LEU C 66 8.47 -12.59 -3.76
C LEU C 66 9.73 -13.23 -3.21
N THR C 67 10.86 -12.91 -3.82
CA THR C 67 12.16 -13.38 -3.34
C THR C 67 12.87 -12.22 -2.64
N LEU C 68 13.71 -12.55 -1.67
CA LEU C 68 14.37 -11.54 -0.84
C LEU C 68 15.76 -12.06 -0.46
N PRO C 69 16.80 -11.61 -1.16
CA PRO C 69 18.17 -11.90 -0.72
C PRO C 69 18.53 -11.15 0.54
N VAL C 70 19.79 -11.31 0.96
CA VAL C 70 20.23 -10.75 2.23
C VAL C 70 20.23 -9.23 2.23
N ASN C 71 20.70 -8.61 1.14
CA ASN C 71 21.14 -7.22 1.22
C ASN C 71 20.00 -6.21 1.41
N GLU C 72 18.86 -6.39 0.75
CA GLU C 72 17.85 -5.34 0.80
C GLU C 72 17.07 -5.38 2.11
N THR C 73 16.95 -6.56 2.72
CA THR C 73 16.40 -6.77 4.06
C THR C 73 14.91 -6.46 4.16
N SER C 74 14.28 -6.03 3.08
CA SER C 74 12.86 -5.72 3.13
C SER C 74 12.27 -5.80 1.73
N GLY C 75 10.99 -6.19 1.65
CA GLY C 75 10.35 -6.28 0.35
C GLY C 75 8.84 -6.39 0.38
N VAL C 76 8.17 -5.72 -0.54
CA VAL C 76 6.72 -5.77 -0.66
C VAL C 76 6.37 -6.40 -2.01
N VAL C 77 5.34 -7.25 -2.01
CA VAL C 77 4.93 -7.89 -3.25
C VAL C 77 4.42 -6.84 -4.23
N THR C 78 4.72 -7.05 -5.51
CA THR C 78 4.40 -6.06 -6.53
C THR C 78 3.04 -6.29 -7.18
N LYS C 79 2.26 -7.26 -6.71
CA LYS C 79 1.03 -7.64 -7.38
C LYS C 79 -0.04 -7.95 -6.35
N ASP C 80 -1.30 -7.70 -6.71
CA ASP C 80 -2.42 -7.99 -5.85
C ASP C 80 -3.14 -9.25 -6.33
N TYR C 81 -3.60 -10.06 -5.38
CA TYR C 81 -4.12 -11.38 -5.67
C TYR C 81 -5.51 -11.55 -5.07
N THR C 82 -6.32 -12.38 -5.72
CA THR C 82 -7.61 -12.81 -5.20
C THR C 82 -7.50 -14.27 -4.81
N VAL C 83 -7.94 -14.59 -3.60
CA VAL C 83 -7.73 -15.92 -3.04
C VAL C 83 -8.69 -16.90 -3.71
N LYS C 84 -8.14 -18.01 -4.20
CA LYS C 84 -8.94 -19.11 -4.73
C LYS C 84 -8.13 -20.40 -4.57
N SER C 85 -8.48 -21.18 -3.54
CA SER C 85 -7.91 -22.50 -3.29
C SER C 85 -6.44 -22.44 -2.89
N ASP C 86 -5.84 -21.26 -2.89
CA ASP C 86 -4.49 -21.04 -2.40
C ASP C 86 -4.62 -20.15 -1.17
N LYS C 87 -4.89 -20.78 -0.02
CA LYS C 87 -5.32 -20.06 1.17
C LYS C 87 -4.24 -19.94 2.24
N ILE C 88 -3.00 -20.27 1.91
CA ILE C 88 -1.91 -20.13 2.87
C ILE C 88 -0.84 -19.22 2.29
N VAL C 89 -0.45 -18.20 3.04
CA VAL C 89 0.80 -17.52 2.76
C VAL C 89 1.92 -18.27 3.47
N ALA C 90 2.98 -18.59 2.74
CA ALA C 90 4.06 -19.39 3.28
C ALA C 90 5.40 -18.76 2.93
N ALA C 91 6.38 -19.03 3.78
CA ALA C 91 7.74 -18.54 3.60
C ALA C 91 8.71 -19.71 3.59
N GLU C 92 9.76 -19.59 2.79
CA GLU C 92 10.78 -20.62 2.65
C GLU C 92 12.15 -19.97 2.80
N VAL C 93 12.96 -20.54 3.68
CA VAL C 93 14.35 -20.12 3.87
C VAL C 93 15.21 -21.31 3.51
N LYS C 94 15.79 -21.29 2.31
CA LYS C 94 16.58 -22.42 1.83
C LYS C 94 18.04 -22.34 2.23
N ASP C 95 18.57 -21.15 2.48
CA ASP C 95 19.91 -20.97 3.02
C ASP C 95 19.81 -20.16 4.31
N ALA C 96 20.42 -20.67 5.38
CA ALA C 96 20.37 -20.00 6.67
C ALA C 96 21.48 -20.52 7.55
N LEU C 97 22.24 -19.61 8.13
CA LEU C 97 23.29 -19.90 9.09
C LEU C 97 22.91 -19.32 10.45
N ALA C 98 23.85 -19.33 11.39
CA ALA C 98 23.58 -18.89 12.75
C ALA C 98 23.26 -17.39 12.79
N GLU C 99 23.09 -16.88 14.02
CA GLU C 99 22.67 -15.50 14.26
C GLU C 99 23.28 -14.51 13.28
N GLY C 100 24.61 -14.54 13.14
CA GLY C 100 25.24 -13.86 12.02
C GLY C 100 25.74 -12.46 12.30
N SER C 101 27.05 -12.32 12.49
CA SER C 101 27.75 -11.05 12.53
C SER C 101 27.38 -10.19 13.73
N ASP C 102 26.41 -10.65 14.52
CA ASP C 102 25.96 -9.91 15.71
C ASP C 102 25.81 -10.76 16.95
N GLY C 103 25.64 -12.09 16.84
CA GLY C 103 25.32 -12.90 17.98
C GLY C 103 23.89 -12.82 18.44
N ARG C 104 23.01 -12.23 17.64
CA ARG C 104 21.60 -12.08 17.97
C ARG C 104 20.72 -12.73 16.89
N PRO C 105 19.62 -13.36 17.29
CA PRO C 105 18.82 -14.13 16.31
C PRO C 105 18.17 -13.23 15.28
N VAL C 106 18.40 -13.54 14.01
CA VAL C 106 17.75 -12.82 12.91
C VAL C 106 16.34 -13.36 12.74
N LYS C 107 15.36 -12.46 12.68
CA LYS C 107 13.97 -12.84 12.52
C LYS C 107 13.38 -12.15 11.30
N CYS C 108 12.23 -12.65 10.86
CA CYS C 108 11.48 -12.05 9.78
C CYS C 108 10.03 -11.88 10.19
N VAL C 109 9.46 -10.74 9.83
CA VAL C 109 8.07 -10.40 10.11
C VAL C 109 7.36 -10.19 8.77
N LEU C 110 6.26 -10.90 8.59
CA LEU C 110 5.42 -10.74 7.41
C LEU C 110 4.08 -10.15 7.83
N ARG C 111 3.71 -9.04 7.21
CA ARG C 111 2.44 -8.37 7.44
C ARG C 111 1.60 -8.50 6.19
N ALA C 112 0.38 -9.00 6.35
CA ALA C 112 -0.53 -9.23 5.24
C ALA C 112 -1.81 -8.44 5.47
N LEU C 113 -2.05 -7.47 4.60
CA LEU C 113 -3.27 -6.67 4.60
C LEU C 113 -4.18 -7.19 3.49
N TYR C 114 -5.35 -7.69 3.87
CA TYR C 114 -6.29 -8.28 2.92
C TYR C 114 -7.71 -7.90 3.28
N PHE C 115 -8.55 -7.76 2.25
CA PHE C 115 -9.95 -7.42 2.42
C PHE C 115 -10.81 -8.68 2.36
N LEU C 116 -11.85 -8.72 3.19
CA LEU C 116 -12.70 -9.88 3.28
C LEU C 116 -13.62 -9.97 2.07
N PRO C 117 -14.07 -11.17 1.71
CA PRO C 117 -14.96 -11.32 0.55
C PRO C 117 -16.33 -10.68 0.72
N SER C 118 -16.73 -10.31 1.93
CA SER C 118 -18.03 -9.69 2.12
C SER C 118 -18.09 -8.36 1.37
N VAL C 119 -19.24 -8.11 0.75
CA VAL C 119 -19.42 -6.98 -0.15
C VAL C 119 -20.70 -6.25 0.21
N ILE C 120 -20.64 -4.91 0.21
CA ILE C 120 -21.81 -4.07 0.42
C ILE C 120 -21.99 -3.17 -0.81
N GLU C 121 -23.15 -2.56 -0.90
CA GLU C 121 -23.51 -1.68 -2.01
C GLU C 121 -23.52 -0.24 -1.53
N VAL C 122 -22.79 0.62 -2.24
CA VAL C 122 -22.69 2.04 -1.89
C VAL C 122 -23.05 2.89 -3.10
N GLU C 123 -23.84 3.93 -2.87
CA GLU C 123 -24.20 4.89 -3.90
C GLU C 123 -23.55 6.24 -3.58
N TYR C 124 -22.96 6.87 -4.58
CA TYR C 124 -22.30 8.15 -4.41
C TYR C 124 -22.93 9.23 -5.28
#